data_6N5G
#
_entry.id   6N5G
#
_cell.length_a   50.420
_cell.length_b   77.323
_cell.length_c   86.703
_cell.angle_alpha   90.000
_cell.angle_beta   90.000
_cell.angle_gamma   90.000
#
_symmetry.space_group_name_H-M   'P 2 21 21'
#
loop_
_entity.id
_entity.type
_entity.pdbx_description
1 polymer 'Epoxide hydrolase TrEH'
2 non-polymer 4-[(quinolin-3-yl)methyl]-N-[4-(trifluoromethoxy)phenyl]piperidine-1-carboxamide
3 water water
#
_entity_poly.entity_id   1
_entity_poly.type   'polypeptide(L)'
_entity_poly.pdbx_seq_one_letter_code
;MDTSKLKPNDPRVKYETKQIRGKTYSYILGEPAGPKLETVVLVHGWPDMAFGWRHQIPYLMSLGFQVVAPNMLGYAGTDA
PRDLSQFTLKSVSADIAELARSFVGQDGQIVLGGHDWGGAVVWRTAYYHPELVKAVFSVCTPLHPLSAEYKPLEDIVAAG
HMLNFKYQLQLKGPDVEARIQGKDMLRRFFRAMFGGRGPNGEAGFSTSDGVHFDVLDKIGAPPLLDEQELEYYVEQYALQ
EAPELRGPLNWYRTRELNAKDEMDRAKNGPPLRFEMPALFVAASKDNALPPAMSKGMDAFYKDLTRAEVDATHWALTQAG
DEVNRVIGEWLNKALG
;
_entity_poly.pdbx_strand_id   A
#
# COMPACT_ATOMS: atom_id res chain seq x y z
N MET A 1 -2.21 14.11 23.77
CA MET A 1 -1.22 14.08 22.69
C MET A 1 -1.78 14.72 21.42
N ASP A 2 -0.88 15.29 20.62
CA ASP A 2 -1.23 15.84 19.31
C ASP A 2 -1.57 14.69 18.38
N THR A 3 -2.86 14.47 18.14
CA THR A 3 -3.33 13.41 17.27
C THR A 3 -3.53 13.86 15.82
N SER A 4 -3.14 15.10 15.50
CA SER A 4 -3.27 15.58 14.13
C SER A 4 -2.37 14.76 13.21
N LYS A 5 -2.62 14.90 11.90
CA LYS A 5 -1.88 14.14 10.92
C LYS A 5 -0.40 14.53 10.92
N LEU A 6 0.43 13.60 10.48
CA LEU A 6 1.87 13.82 10.46
C LEU A 6 2.25 14.86 9.41
N LYS A 7 3.02 15.86 9.82
CA LYS A 7 3.57 16.86 8.95
C LYS A 7 4.90 16.39 8.39
N PRO A 8 5.36 16.94 7.27
CA PRO A 8 6.61 16.47 6.67
C PRO A 8 7.78 16.54 7.64
N ASN A 9 8.50 15.43 7.73
CA ASN A 9 9.55 15.24 8.74
C ASN A 9 9.06 15.70 10.11
N ASP A 10 7.95 15.09 10.53
CA ASP A 10 7.33 15.38 11.82
C ASP A 10 8.25 14.95 12.96
N PRO A 11 8.37 15.76 14.03
CA PRO A 11 9.25 15.36 15.15
C PRO A 11 8.64 14.30 16.05
N ARG A 12 7.33 14.08 16.01
CA ARG A 12 6.67 13.10 16.85
C ARG A 12 6.90 11.66 16.38
N VAL A 13 7.79 11.45 15.39
CA VAL A 13 8.12 10.13 14.90
C VAL A 13 9.61 10.07 14.64
N LYS A 14 10.13 8.84 14.51
CA LYS A 14 11.53 8.60 14.22
C LYS A 14 11.68 8.08 12.80
N TYR A 15 12.67 8.61 12.08
CA TYR A 15 12.99 8.17 10.74
C TYR A 15 14.25 7.32 10.83
N GLU A 16 14.09 6.01 10.77
CA GLU A 16 15.18 5.08 10.98
C GLU A 16 15.35 4.18 9.77
N THR A 17 16.59 3.75 9.56
CA THR A 17 16.92 2.80 8.52
C THR A 17 17.32 1.47 9.17
N LYS A 18 16.89 0.37 8.56
CA LYS A 18 17.26 -0.94 9.09
C LYS A 18 17.38 -1.92 7.94
N GLN A 19 18.57 -2.52 7.81
CA GLN A 19 18.83 -3.49 6.76
C GLN A 19 18.08 -4.78 7.04
N ILE A 20 17.22 -5.20 6.12
CA ILE A 20 16.52 -6.48 6.23
C ILE A 20 16.59 -7.21 4.89
N ARG A 21 16.86 -8.51 4.96
CA ARG A 21 16.86 -9.42 3.81
C ARG A 21 17.62 -8.86 2.60
N GLY A 22 18.72 -8.17 2.86
CA GLY A 22 19.63 -7.75 1.82
C GLY A 22 19.54 -6.29 1.41
N LYS A 23 18.41 -5.63 1.65
CA LYS A 23 18.25 -4.24 1.25
C LYS A 23 18.05 -3.35 2.46
N THR A 24 18.44 -2.09 2.29
CA THR A 24 18.09 -1.05 3.24
C THR A 24 16.58 -0.80 3.19
N TYR A 25 15.96 -0.79 4.37
CA TYR A 25 14.53 -0.51 4.49
C TYR A 25 14.36 0.73 5.35
N SER A 26 14.09 1.87 4.71
CA SER A 26 13.68 3.04 5.47
C SER A 26 12.27 2.82 6.01
N TYR A 27 12.01 3.41 7.17
CA TYR A 27 10.69 3.31 7.79
C TYR A 27 10.53 4.48 8.73
N ILE A 28 9.30 4.67 9.19
CA ILE A 28 9.00 5.62 10.24
C ILE A 28 8.65 4.84 11.50
N LEU A 29 9.09 5.34 12.65
CA LEU A 29 8.81 4.71 13.94
C LEU A 29 7.95 5.67 14.75
N GLY A 30 6.68 5.31 14.95
CA GLY A 30 5.79 6.07 15.79
C GLY A 30 5.52 5.33 17.07
N GLU A 31 5.86 5.94 18.21
CA GLU A 31 5.96 5.18 19.45
C GLU A 31 4.80 5.51 20.40
N PRO A 32 4.43 4.60 21.30
CA PRO A 32 3.14 4.75 21.97
C PRO A 32 3.16 5.84 23.03
N ALA A 33 1.96 6.19 23.45
CA ALA A 33 1.75 6.91 24.69
C ALA A 33 1.55 5.87 25.79
N GLY A 34 2.46 5.83 26.75
CA GLY A 34 2.39 4.87 27.83
C GLY A 34 2.89 3.50 27.43
N PRO A 35 2.39 2.46 28.10
CA PRO A 35 2.84 1.09 27.81
C PRO A 35 2.08 0.52 26.62
N LYS A 36 2.81 0.10 25.59
CA LYS A 36 2.19 -0.34 24.36
C LYS A 36 1.31 -1.56 24.60
N LEU A 37 0.25 -1.67 23.80
CA LEU A 37 -0.50 -2.92 23.70
C LEU A 37 0.15 -3.84 22.67
N GLU A 38 0.41 -3.30 21.48
CA GLU A 38 0.93 -4.06 20.36
C GLU A 38 1.80 -3.15 19.51
N THR A 39 2.49 -3.76 18.55
CA THR A 39 3.16 -3.02 17.49
C THR A 39 2.38 -3.22 16.19
N VAL A 40 2.22 -2.14 15.44
CA VAL A 40 1.44 -2.14 14.20
C VAL A 40 2.36 -1.75 13.06
N VAL A 41 2.37 -2.55 12.00
CA VAL A 41 3.10 -2.23 10.78
C VAL A 41 2.10 -1.72 9.74
N LEU A 42 2.35 -0.53 9.21
CA LEU A 42 1.50 0.08 8.21
C LEU A 42 2.20 0.02 6.86
N VAL A 43 1.47 -0.42 5.83
CA VAL A 43 2.04 -0.65 4.51
C VAL A 43 1.23 0.13 3.49
N HIS A 44 1.90 1.03 2.77
CA HIS A 44 1.25 1.85 1.75
C HIS A 44 1.23 1.11 0.41
N GLY A 45 0.70 1.78 -0.61
CA GLY A 45 0.65 1.23 -1.95
C GLY A 45 1.25 2.14 -3.01
N TRP A 46 0.82 1.98 -4.25
CA TRP A 46 1.32 2.80 -5.35
C TRP A 46 0.37 3.96 -5.63
N PRO A 47 0.93 5.16 -5.83
CA PRO A 47 2.33 5.51 -5.60
C PRO A 47 2.48 6.21 -4.26
N ASP A 48 2.12 5.51 -3.20
CA ASP A 48 2.10 6.13 -1.88
C ASP A 48 3.48 6.00 -1.23
N MET A 49 3.52 6.02 0.10
CA MET A 49 4.75 6.16 0.86
C MET A 49 4.39 6.02 2.33
N ALA A 50 5.36 5.65 3.17
CA ALA A 50 5.13 5.55 4.61
C ALA A 50 4.38 6.78 5.12
N PHE A 51 4.69 7.93 4.53
CA PHE A 51 4.01 9.19 4.83
C PHE A 51 2.51 9.13 4.52
N GLY A 52 2.07 8.16 3.72
CA GLY A 52 0.67 8.05 3.36
C GLY A 52 -0.27 7.67 4.49
N TRP A 53 0.26 7.39 5.68
CA TRP A 53 -0.54 7.08 6.85
C TRP A 53 -0.62 8.24 7.83
N ARG A 54 -0.41 9.46 7.34
CA ARG A 54 -0.32 10.64 8.19
C ARG A 54 -1.48 10.76 9.17
N HIS A 55 -2.69 10.37 8.75
CA HIS A 55 -3.83 10.39 9.66
C HIS A 55 -3.84 9.21 10.62
N GLN A 56 -3.19 8.10 10.28
CA GLN A 56 -3.30 6.88 11.06
C GLN A 56 -2.25 6.77 12.15
N ILE A 57 -0.98 6.97 11.79
CA ILE A 57 0.15 6.71 12.68
C ILE A 57 0.02 7.47 13.99
N PRO A 58 -0.14 8.80 14.00
CA PRO A 58 -0.30 9.49 15.29
C PRO A 58 -1.52 9.02 16.05
N TYR A 59 -2.61 8.73 15.33
CA TYR A 59 -3.82 8.23 15.98
C TYR A 59 -3.57 6.89 16.65
N LEU A 60 -2.84 6.00 15.98
CA LEU A 60 -2.53 4.70 16.57
C LEU A 60 -1.50 4.82 17.69
N MET A 61 -0.55 5.75 17.55
CA MET A 61 0.35 6.07 18.66
C MET A 61 -0.44 6.56 19.87
N SER A 62 -1.46 7.39 19.64
CA SER A 62 -2.26 7.91 20.74
C SER A 62 -3.15 6.84 21.37
N LEU A 63 -3.37 5.72 20.66
CA LEU A 63 -4.13 4.60 21.20
C LEU A 63 -3.25 3.64 21.99
N GLY A 64 -1.97 3.95 22.15
CA GLY A 64 -1.07 3.07 22.87
C GLY A 64 -0.40 2.03 22.01
N PHE A 65 -0.39 2.20 20.69
CA PHE A 65 0.26 1.27 19.79
C PHE A 65 1.63 1.81 19.40
N GLN A 66 2.60 0.90 19.28
CA GLN A 66 3.87 1.20 18.64
C GLN A 66 3.70 1.01 17.15
N VAL A 67 3.97 2.05 16.37
CA VAL A 67 3.66 2.05 14.94
C VAL A 67 4.96 2.14 14.16
N VAL A 68 5.20 1.15 13.30
CA VAL A 68 6.26 1.20 12.30
C VAL A 68 5.59 1.16 10.94
N ALA A 69 6.07 1.99 10.02
CA ALA A 69 5.51 2.08 8.67
C ALA A 69 6.65 2.21 7.67
N PRO A 70 7.03 1.12 7.02
CA PRO A 70 8.20 1.16 6.13
C PRO A 70 7.87 1.66 4.74
N ASN A 71 8.78 2.47 4.19
CA ASN A 71 8.80 2.68 2.75
C ASN A 71 9.12 1.36 2.07
N MET A 72 8.25 0.95 1.15
CA MET A 72 8.35 -0.39 0.59
C MET A 72 9.47 -0.44 -0.45
N LEU A 73 9.56 -1.56 -1.16
CA LEU A 73 10.63 -1.74 -2.14
C LEU A 73 10.41 -0.79 -3.32
N GLY A 74 11.41 0.04 -3.60
CA GLY A 74 11.34 1.00 -4.68
C GLY A 74 10.93 2.39 -4.26
N TYR A 75 10.41 2.56 -3.06
CA TYR A 75 9.88 3.85 -2.62
C TYR A 75 10.85 4.53 -1.66
N ALA A 76 11.24 5.76 -2.00
CA ALA A 76 11.84 6.71 -1.06
C ALA A 76 13.16 6.15 -0.56
N GLY A 77 13.43 6.14 0.75
CA GLY A 77 14.74 5.76 1.23
C GLY A 77 15.01 4.26 1.26
N THR A 78 14.02 3.45 0.91
CA THR A 78 14.20 2.00 0.81
C THR A 78 14.78 1.65 -0.56
N ASP A 79 15.57 0.57 -0.59
CA ASP A 79 16.24 0.17 -1.82
C ASP A 79 15.24 -0.31 -2.86
N ALA A 80 15.69 -0.28 -4.12
CA ALA A 80 14.95 -0.83 -5.25
C ALA A 80 15.90 -1.76 -5.99
N PRO A 81 15.97 -3.03 -5.62
CA PRO A 81 16.79 -3.98 -6.38
C PRO A 81 16.32 -4.08 -7.82
N ARG A 82 17.27 -4.43 -8.71
CA ARG A 82 16.94 -4.73 -10.09
C ARG A 82 16.13 -6.01 -10.21
N ASP A 83 16.38 -6.96 -9.31
CA ASP A 83 15.73 -8.26 -9.36
C ASP A 83 14.21 -8.08 -9.27
N LEU A 84 13.51 -8.60 -10.27
CA LEU A 84 12.05 -8.62 -10.21
C LEU A 84 11.55 -9.54 -9.09
N SER A 85 12.29 -10.62 -8.81
CA SER A 85 11.86 -11.59 -7.81
C SER A 85 11.74 -10.98 -6.42
N GLN A 86 12.38 -9.83 -6.19
CA GLN A 86 12.30 -9.17 -4.90
C GLN A 86 11.03 -8.34 -4.73
N PHE A 87 10.29 -8.11 -5.81
CA PHE A 87 9.04 -7.37 -5.77
C PHE A 87 7.83 -8.27 -5.82
N THR A 88 8.02 -9.58 -5.69
CA THR A 88 6.91 -10.50 -5.54
C THR A 88 6.29 -10.36 -4.17
N LEU A 89 4.96 -10.52 -4.11
CA LEU A 89 4.26 -10.40 -2.84
C LEU A 89 4.76 -11.38 -1.80
N LYS A 90 5.43 -12.47 -2.22
CA LYS A 90 5.99 -13.42 -1.26
C LYS A 90 7.23 -12.86 -0.59
N SER A 91 8.25 -12.52 -1.38
CA SER A 91 9.50 -11.99 -0.80
C SER A 91 9.25 -10.77 0.05
N VAL A 92 8.33 -9.90 -0.37
CA VAL A 92 8.03 -8.71 0.41
C VAL A 92 7.21 -9.07 1.64
N SER A 93 6.41 -10.14 1.58
CA SER A 93 5.81 -10.66 2.80
C SER A 93 6.90 -11.17 3.75
N ALA A 94 7.90 -11.85 3.21
CA ALA A 94 9.05 -12.25 4.02
C ALA A 94 9.79 -11.04 4.56
N ASP A 95 9.77 -9.92 3.84
CA ASP A 95 10.35 -8.68 4.37
C ASP A 95 9.61 -8.23 5.62
N ILE A 96 8.28 -8.07 5.52
CA ILE A 96 7.49 -7.53 6.62
C ILE A 96 7.61 -8.42 7.86
N ALA A 97 7.81 -9.72 7.66
CA ALA A 97 8.06 -10.60 8.81
C ALA A 97 9.38 -10.23 9.49
N GLU A 98 10.44 -10.04 8.69
CA GLU A 98 11.74 -9.72 9.28
C GLU A 98 11.75 -8.35 9.92
N LEU A 99 11.09 -7.37 9.30
CA LEU A 99 11.02 -6.04 9.92
C LEU A 99 10.19 -6.08 11.20
N ALA A 100 9.12 -6.88 11.22
CA ALA A 100 8.34 -7.05 12.44
C ALA A 100 9.17 -7.69 13.53
N ARG A 101 9.71 -8.88 13.26
CA ARG A 101 10.54 -9.59 14.22
C ARG A 101 11.76 -8.78 14.64
N SER A 102 12.17 -7.81 13.82
CA SER A 102 13.18 -6.85 14.24
C SER A 102 12.71 -5.93 15.36
N PHE A 103 11.41 -5.92 15.66
CA PHE A 103 10.86 -5.01 16.66
C PHE A 103 10.19 -5.70 17.85
N VAL A 104 9.64 -6.90 17.68
CA VAL A 104 8.94 -7.58 18.76
C VAL A 104 9.51 -8.97 19.06
N GLY A 105 10.55 -9.38 18.36
CA GLY A 105 11.10 -10.71 18.57
C GLY A 105 10.55 -11.74 17.61
N GLN A 106 11.29 -12.84 17.47
CA GLN A 106 10.91 -13.87 16.50
C GLN A 106 9.59 -14.53 16.86
N ASP A 107 9.22 -14.55 18.14
CA ASP A 107 7.94 -15.08 18.57
C ASP A 107 6.89 -14.00 18.76
N GLY A 108 7.22 -12.74 18.44
CA GLY A 108 6.32 -11.65 18.67
C GLY A 108 5.13 -11.65 17.72
N GLN A 109 4.17 -10.78 18.01
CA GLN A 109 2.97 -10.70 17.18
C GLN A 109 2.63 -9.23 16.91
N ILE A 110 2.04 -8.99 15.75
CA ILE A 110 1.90 -7.67 15.16
C ILE A 110 0.49 -7.51 14.63
N VAL A 111 -0.04 -6.30 14.72
CA VAL A 111 -1.23 -5.91 13.97
C VAL A 111 -0.77 -5.35 12.64
N LEU A 112 -1.11 -6.04 11.55
CA LEU A 112 -0.62 -5.70 10.23
C LEU A 112 -1.67 -4.90 9.47
N GLY A 113 -1.28 -3.72 8.98
CA GLY A 113 -2.18 -2.90 8.20
C GLY A 113 -1.55 -2.47 6.89
N GLY A 114 -2.22 -2.79 5.78
CA GLY A 114 -1.74 -2.40 4.47
C GLY A 114 -2.86 -1.77 3.65
N HIS A 115 -2.48 -1.22 2.50
CA HIS A 115 -3.43 -0.53 1.65
C HIS A 115 -2.88 -0.45 0.23
N ASP A 116 -3.78 -0.61 -0.75
CA ASP A 116 -3.46 -0.72 -2.17
C ASP A 116 -2.63 -1.98 -2.41
N TRP A 117 -1.42 -1.83 -2.96
CA TRP A 117 -0.55 -2.99 -3.10
C TRP A 117 -0.15 -3.54 -1.75
N GLY A 118 0.11 -2.65 -0.79
CA GLY A 118 0.31 -3.09 0.58
C GLY A 118 -0.90 -3.78 1.18
N GLY A 119 -2.09 -3.51 0.64
CA GLY A 119 -3.26 -4.25 1.07
C GLY A 119 -3.20 -5.70 0.63
N ALA A 120 -2.66 -5.95 -0.56
CA ALA A 120 -2.43 -7.32 -0.99
C ALA A 120 -1.25 -7.95 -0.27
N VAL A 121 -0.31 -7.15 0.23
CA VAL A 121 0.81 -7.69 0.98
C VAL A 121 0.33 -8.29 2.29
N VAL A 122 -0.44 -7.52 3.06
CA VAL A 122 -0.79 -7.93 4.41
C VAL A 122 -1.68 -9.18 4.44
N TRP A 123 -2.40 -9.48 3.35
CA TRP A 123 -3.07 -10.77 3.29
C TRP A 123 -2.08 -11.89 3.00
N ARG A 124 -1.19 -11.67 2.03
CA ARG A 124 -0.11 -12.63 1.77
C ARG A 124 0.73 -12.86 3.01
N THR A 125 1.13 -11.78 3.68
CA THR A 125 1.92 -11.90 4.90
C THR A 125 1.13 -12.57 6.00
N ALA A 126 -0.19 -12.40 6.01
CA ALA A 126 -1.03 -13.16 6.95
C ALA A 126 -1.16 -14.60 6.51
N TYR A 127 -1.08 -14.87 5.21
CA TYR A 127 -1.12 -16.24 4.72
C TYR A 127 0.22 -16.95 4.91
N TYR A 128 1.31 -16.31 4.48
CA TYR A 128 2.63 -16.93 4.58
C TYR A 128 3.11 -17.01 6.02
N HIS A 129 2.82 -15.99 6.82
CA HIS A 129 3.32 -15.88 8.19
C HIS A 129 2.17 -15.68 9.17
N PRO A 130 1.31 -16.69 9.34
CA PRO A 130 0.27 -16.58 10.37
C PRO A 130 0.80 -16.74 11.78
N GLU A 131 2.04 -17.21 11.94
CA GLU A 131 2.69 -17.26 13.25
C GLU A 131 2.82 -15.90 13.90
N LEU A 132 2.54 -14.82 13.17
CA LEU A 132 2.96 -13.48 13.54
C LEU A 132 1.86 -12.43 13.45
N VAL A 133 0.82 -12.66 12.66
CA VAL A 133 -0.19 -11.64 12.38
C VAL A 133 -1.35 -11.89 13.34
N LYS A 134 -1.26 -11.28 14.53
CA LYS A 134 -2.32 -11.39 15.52
C LYS A 134 -3.64 -10.87 14.98
N ALA A 135 -3.58 -9.78 14.20
CA ALA A 135 -4.75 -9.23 13.53
C ALA A 135 -4.27 -8.48 12.30
N VAL A 136 -4.89 -8.76 11.16
CA VAL A 136 -4.51 -8.12 9.90
C VAL A 136 -5.73 -7.39 9.35
N PHE A 137 -5.49 -6.27 8.69
CA PHE A 137 -6.57 -5.55 8.03
C PHE A 137 -6.02 -4.89 6.78
N SER A 138 -6.93 -4.58 5.86
CA SER A 138 -6.57 -3.95 4.60
C SER A 138 -7.63 -2.92 4.22
N VAL A 139 -7.19 -1.77 3.75
CA VAL A 139 -8.07 -0.70 3.29
C VAL A 139 -8.09 -0.71 1.77
N CYS A 140 -9.29 -0.65 1.19
CA CYS A 140 -9.52 -0.61 -0.25
C CYS A 140 -9.25 -1.95 -0.93
N THR A 141 -8.23 -2.67 -0.48
CA THR A 141 -7.79 -3.87 -1.18
C THR A 141 -8.44 -5.11 -0.58
N PRO A 142 -9.28 -5.82 -1.32
CA PRO A 142 -9.84 -7.08 -0.82
C PRO A 142 -8.96 -8.26 -1.22
N LEU A 143 -9.23 -9.39 -0.57
CA LEU A 143 -8.43 -10.60 -0.81
C LEU A 143 -8.65 -11.12 -2.22
N HIS A 144 -7.55 -11.37 -2.93
CA HIS A 144 -7.69 -12.11 -4.17
C HIS A 144 -7.14 -13.52 -3.98
N PRO A 145 -7.79 -14.53 -4.55
CA PRO A 145 -7.34 -15.91 -4.36
C PRO A 145 -5.94 -16.13 -4.92
N LEU A 146 -5.30 -17.19 -4.43
CA LEU A 146 -4.02 -17.62 -4.98
C LEU A 146 -4.13 -17.83 -6.48
N SER A 147 -3.18 -17.27 -7.22
CA SER A 147 -3.19 -17.43 -8.67
C SER A 147 -2.92 -18.89 -9.04
N ALA A 148 -3.82 -19.48 -9.83
CA ALA A 148 -3.67 -20.84 -10.30
C ALA A 148 -3.17 -20.91 -11.74
N GLU A 149 -3.57 -19.95 -12.58
CA GLU A 149 -3.08 -19.84 -13.94
C GLU A 149 -2.41 -18.49 -14.12
N TYR A 150 -1.41 -18.44 -15.00
CA TYR A 150 -0.85 -17.17 -15.44
C TYR A 150 -1.40 -16.81 -16.81
N LYS A 151 -1.93 -15.60 -16.93
CA LYS A 151 -2.30 -15.05 -18.21
C LYS A 151 -1.63 -13.67 -18.31
N PRO A 152 -0.95 -13.38 -19.41
CA PRO A 152 -0.46 -12.00 -19.61
C PRO A 152 -1.62 -11.04 -19.53
N LEU A 153 -1.43 -9.93 -18.81
CA LEU A 153 -2.52 -8.99 -18.61
C LEU A 153 -3.06 -8.48 -19.94
N GLU A 154 -2.22 -8.40 -20.97
CA GLU A 154 -2.67 -8.03 -22.29
C GLU A 154 -3.78 -8.95 -22.78
N ASP A 155 -3.63 -10.27 -22.56
CA ASP A 155 -4.61 -11.23 -23.06
C ASP A 155 -5.92 -11.13 -22.31
N ILE A 156 -5.89 -10.76 -21.03
CA ILE A 156 -7.11 -10.72 -20.23
C ILE A 156 -7.97 -9.52 -20.64
N VAL A 157 -7.36 -8.36 -20.83
CA VAL A 157 -8.11 -7.20 -21.29
C VAL A 157 -8.46 -7.30 -22.77
N ALA A 158 -7.73 -8.12 -23.53
CA ALA A 158 -8.07 -8.33 -24.93
C ALA A 158 -9.36 -9.08 -25.10
N ALA A 159 -9.76 -9.89 -24.12
CA ALA A 159 -11.06 -10.54 -24.10
C ALA A 159 -12.09 -9.75 -23.28
N GLY A 160 -11.80 -8.49 -23.00
CA GLY A 160 -12.75 -7.63 -22.30
C GLY A 160 -12.82 -7.84 -20.80
N HIS A 161 -12.00 -8.71 -20.23
CA HIS A 161 -12.03 -8.97 -18.80
C HIS A 161 -11.04 -8.07 -18.08
N MET A 162 -11.30 -7.85 -16.79
CA MET A 162 -10.41 -7.11 -15.89
C MET A 162 -10.03 -5.74 -16.47
N LEU A 163 -10.97 -5.10 -17.17
CA LEU A 163 -10.69 -3.82 -17.79
C LEU A 163 -10.38 -2.73 -16.75
N ASN A 164 -10.81 -2.92 -15.51
CA ASN A 164 -10.40 -2.03 -14.43
C ASN A 164 -8.92 -2.12 -14.11
N PHE A 165 -8.18 -3.01 -14.77
CA PHE A 165 -6.74 -3.14 -14.60
C PHE A 165 -5.96 -2.74 -15.85
N LYS A 166 -6.62 -2.19 -16.87
CA LYS A 166 -5.95 -1.89 -18.13
C LYS A 166 -4.89 -0.81 -18.00
N TYR A 167 -4.74 -0.18 -16.84
CA TYR A 167 -3.74 0.85 -16.65
C TYR A 167 -2.36 0.28 -16.35
N GLN A 168 -2.29 -0.92 -15.77
CA GLN A 168 -1.00 -1.51 -15.46
C GLN A 168 -0.20 -1.87 -16.70
N LEU A 169 -0.86 -2.07 -17.84
CA LEU A 169 -0.16 -2.32 -19.10
C LEU A 169 0.87 -1.23 -19.37
N GLN A 170 0.40 0.02 -19.47
CA GLN A 170 1.31 1.14 -19.70
C GLN A 170 2.21 1.37 -18.49
N LEU A 171 1.66 1.24 -17.27
CA LEU A 171 2.47 1.40 -16.06
C LEU A 171 3.66 0.45 -16.08
N LYS A 172 3.39 -0.86 -16.22
CA LYS A 172 4.47 -1.83 -16.35
C LYS A 172 5.33 -1.57 -17.58
N GLY A 173 4.80 -0.86 -18.56
CA GLY A 173 5.54 -0.55 -19.76
C GLY A 173 6.64 0.47 -19.50
N PRO A 174 7.30 0.92 -20.57
CA PRO A 174 8.40 1.88 -20.41
C PRO A 174 7.93 3.33 -20.26
N ASP A 175 6.64 3.60 -20.37
CA ASP A 175 6.18 4.98 -20.56
C ASP A 175 6.29 5.78 -19.27
N VAL A 176 5.64 5.33 -18.20
CA VAL A 176 5.63 6.09 -16.96
C VAL A 176 7.04 6.26 -16.41
N GLU A 177 7.87 5.22 -16.54
CA GLU A 177 9.24 5.30 -16.02
C GLU A 177 10.08 6.27 -16.86
N ALA A 178 9.91 6.27 -18.17
CA ALA A 178 10.74 7.12 -19.03
C ALA A 178 10.27 8.57 -19.02
N ARG A 179 8.97 8.82 -18.91
CA ARG A 179 8.45 10.17 -19.06
C ARG A 179 8.41 10.95 -17.75
N ILE A 180 8.37 10.28 -16.60
CA ILE A 180 8.30 10.95 -15.31
C ILE A 180 9.64 10.70 -14.61
N GLN A 181 10.54 11.67 -14.72
CA GLN A 181 11.82 11.64 -14.03
C GLN A 181 12.18 13.07 -13.62
N GLY A 182 12.74 13.21 -12.42
CA GLY A 182 13.06 14.51 -11.88
C GLY A 182 11.90 15.12 -11.13
N LYS A 183 12.23 16.11 -10.29
CA LYS A 183 11.24 16.73 -9.42
C LYS A 183 10.06 17.29 -10.21
N ASP A 184 10.32 17.82 -11.41
CA ASP A 184 9.29 18.53 -12.14
C ASP A 184 8.21 17.58 -12.65
N MET A 185 8.62 16.52 -13.36
CA MET A 185 7.64 15.54 -13.80
C MET A 185 6.99 14.83 -12.62
N LEU A 186 7.78 14.48 -11.60
CA LEU A 186 7.23 13.83 -10.41
C LEU A 186 6.18 14.70 -9.74
N ARG A 187 6.44 16.00 -9.64
CA ARG A 187 5.48 16.91 -9.01
C ARG A 187 4.17 16.91 -9.77
N ARG A 188 4.22 17.18 -11.08
CA ARG A 188 3.03 17.12 -11.92
C ARG A 188 2.41 15.73 -11.88
N PHE A 189 3.25 14.70 -11.83
CA PHE A 189 2.75 13.32 -11.72
C PHE A 189 1.92 13.13 -10.45
N PHE A 190 2.35 13.74 -9.35
CA PHE A 190 1.62 13.59 -8.09
C PHE A 190 0.36 14.43 -8.06
N ARG A 191 0.36 15.59 -8.72
CA ARG A 191 -0.90 16.30 -8.93
C ARG A 191 -1.90 15.40 -9.64
N ALA A 192 -1.44 14.67 -10.67
CA ALA A 192 -2.31 13.75 -11.39
C ALA A 192 -2.80 12.64 -10.48
N MET A 193 -1.91 12.02 -9.71
CA MET A 193 -2.27 10.82 -8.98
C MET A 193 -3.22 11.12 -7.83
N PHE A 194 -3.16 12.31 -7.27
CA PHE A 194 -3.97 12.68 -6.10
C PHE A 194 -5.14 13.58 -6.48
N GLY A 195 -5.79 13.30 -7.60
CA GLY A 195 -7.04 13.98 -7.95
C GLY A 195 -6.91 15.25 -8.75
N GLY A 196 -5.75 15.50 -9.38
CA GLY A 196 -5.60 16.71 -10.16
C GLY A 196 -6.35 16.62 -11.48
N ARG A 197 -6.76 17.79 -11.98
CA ARG A 197 -7.43 17.90 -13.26
C ARG A 197 -7.01 19.18 -13.97
N GLY A 198 -7.10 19.14 -15.30
CA GLY A 198 -6.67 20.23 -16.14
C GLY A 198 -7.76 21.23 -16.44
N PRO A 199 -7.42 22.27 -17.20
CA PRO A 199 -8.34 23.41 -17.41
C PRO A 199 -9.73 23.01 -17.89
N ASN A 200 -9.83 21.98 -18.72
CA ASN A 200 -11.12 21.48 -19.19
C ASN A 200 -11.51 20.17 -18.50
N GLY A 201 -11.06 19.98 -17.27
CA GLY A 201 -11.40 18.78 -16.53
C GLY A 201 -10.71 17.52 -16.98
N GLU A 202 -9.65 17.63 -17.78
CA GLU A 202 -8.87 16.45 -18.12
C GLU A 202 -8.25 15.87 -16.85
N ALA A 203 -8.25 14.55 -16.76
CA ALA A 203 -7.68 13.86 -15.60
C ALA A 203 -6.30 13.33 -15.94
N GLY A 204 -5.36 13.49 -15.01
CA GLY A 204 -4.02 12.99 -15.20
C GLY A 204 -3.89 11.49 -15.13
N PHE A 205 -4.92 10.80 -14.64
CA PHE A 205 -4.90 9.35 -14.54
C PHE A 205 -6.31 8.81 -14.79
N SER A 206 -6.37 7.72 -15.56
CA SER A 206 -7.59 6.95 -15.73
C SER A 206 -7.24 5.48 -15.63
N THR A 207 -8.21 4.67 -15.22
CA THR A 207 -7.95 3.25 -15.01
C THR A 207 -7.78 2.48 -16.31
N SER A 208 -8.09 3.08 -17.46
CA SER A 208 -7.96 2.35 -18.72
C SER A 208 -6.68 2.67 -19.48
N ASP A 209 -6.23 3.93 -19.47
CA ASP A 209 -5.01 4.34 -20.14
C ASP A 209 -3.93 4.83 -19.17
N GLY A 210 -4.19 4.80 -17.87
CA GLY A 210 -3.15 5.07 -16.89
C GLY A 210 -2.79 6.54 -16.81
N VAL A 211 -1.49 6.81 -16.77
CA VAL A 211 -1.02 8.19 -16.77
C VAL A 211 -1.23 8.78 -18.15
N HIS A 212 -1.85 9.96 -18.20
CA HIS A 212 -1.97 10.73 -19.42
C HIS A 212 -0.90 11.81 -19.38
N PHE A 213 0.08 11.72 -20.27
CA PHE A 213 1.23 12.62 -20.20
C PHE A 213 0.94 13.98 -20.82
N ASP A 214 -0.04 14.06 -21.73
CA ASP A 214 -0.33 15.33 -22.39
C ASP A 214 -1.04 16.30 -21.46
N VAL A 215 -1.77 15.79 -20.47
CA VAL A 215 -2.48 16.67 -19.54
C VAL A 215 -1.58 17.18 -18.43
N LEU A 216 -0.48 16.49 -18.12
CA LEU A 216 0.22 16.74 -16.88
C LEU A 216 0.94 18.08 -16.84
N ASP A 217 1.12 18.75 -17.99
CA ASP A 217 1.58 20.13 -17.94
C ASP A 217 0.48 21.07 -17.43
N LYS A 218 -0.78 20.73 -17.68
CA LYS A 218 -1.92 21.59 -17.44
C LYS A 218 -2.63 21.32 -16.12
N ILE A 219 -2.16 20.38 -15.34
CA ILE A 219 -2.93 19.85 -14.22
C ILE A 219 -2.65 20.67 -12.97
N GLY A 220 -3.70 20.94 -12.19
CA GLY A 220 -3.59 21.83 -11.06
C GLY A 220 -3.17 21.12 -9.78
N ALA A 221 -2.89 21.94 -8.75
CA ALA A 221 -2.48 21.42 -7.46
C ALA A 221 -3.62 20.62 -6.83
N PRO A 222 -3.32 19.50 -6.17
CA PRO A 222 -4.30 18.41 -6.02
C PRO A 222 -5.28 18.64 -4.89
N PRO A 223 -6.51 18.12 -5.00
CA PRO A 223 -7.45 18.25 -3.88
C PRO A 223 -7.08 17.45 -2.64
N LEU A 224 -6.35 16.33 -2.78
CA LEU A 224 -6.07 15.45 -1.66
C LEU A 224 -4.67 15.63 -1.06
N LEU A 225 -3.96 16.68 -1.47
CA LEU A 225 -2.63 16.96 -0.96
C LEU A 225 -2.48 18.46 -0.98
N ASP A 226 -2.10 19.04 0.14
CA ASP A 226 -1.67 20.43 0.10
C ASP A 226 -0.37 20.57 -0.66
N GLU A 227 0.23 21.76 -0.59
CA GLU A 227 1.48 21.98 -1.30
C GLU A 227 2.63 21.21 -0.64
N GLN A 228 2.66 21.18 0.70
CA GLN A 228 3.82 20.67 1.44
C GLN A 228 3.93 19.15 1.40
N GLU A 229 2.82 18.42 1.33
CA GLU A 229 2.96 16.99 1.13
C GLU A 229 3.22 16.67 -0.35
N LEU A 230 2.61 17.43 -1.28
CA LEU A 230 2.97 17.25 -2.68
C LEU A 230 4.46 17.44 -2.88
N GLU A 231 5.03 18.49 -2.27
CA GLU A 231 6.47 18.67 -2.31
C GLU A 231 7.20 17.68 -1.41
N TYR A 232 6.54 17.11 -0.41
CA TYR A 232 7.17 16.06 0.38
C TYR A 232 7.17 14.73 -0.38
N TYR A 233 6.10 14.44 -1.11
CA TYR A 233 6.06 13.26 -1.96
C TYR A 233 7.09 13.31 -3.08
N VAL A 234 7.51 14.51 -3.47
CA VAL A 234 8.45 14.68 -4.57
C VAL A 234 9.89 14.77 -4.08
N GLU A 235 10.11 15.44 -2.95
CA GLU A 235 11.42 15.40 -2.31
C GLU A 235 11.80 13.96 -1.97
N GLN A 236 10.82 13.16 -1.55
CA GLN A 236 11.10 11.79 -1.14
C GLN A 236 11.18 10.84 -2.33
N TYR A 237 10.37 11.06 -3.36
CA TYR A 237 10.47 10.21 -4.55
C TYR A 237 11.76 10.49 -5.32
N ALA A 238 12.28 11.71 -5.24
CA ALA A 238 13.57 12.02 -5.84
C ALA A 238 14.72 11.26 -5.19
N LEU A 239 14.50 10.65 -4.02
CA LEU A 239 15.55 9.89 -3.37
C LEU A 239 15.99 8.69 -4.20
N GLN A 240 15.05 8.08 -4.93
CA GLN A 240 15.40 6.96 -5.78
C GLN A 240 16.24 7.42 -6.97
N GLU A 241 17.03 6.50 -7.50
CA GLU A 241 17.92 6.81 -8.61
C GLU A 241 17.14 6.83 -9.92
N ALA A 242 17.38 7.85 -10.74
CA ALA A 242 16.68 8.03 -12.00
C ALA A 242 16.87 6.85 -12.96
N PRO A 243 15.81 6.46 -13.68
CA PRO A 243 14.44 6.96 -13.53
C PRO A 243 13.81 6.54 -12.20
N GLU A 244 13.34 7.55 -11.45
CA GLU A 244 13.02 7.38 -10.05
C GLU A 244 11.86 6.41 -9.81
N LEU A 245 11.10 6.07 -10.84
CA LEU A 245 9.92 5.22 -10.68
C LEU A 245 10.16 3.78 -11.11
N ARG A 246 11.42 3.37 -11.30
CA ARG A 246 11.68 1.97 -11.61
C ARG A 246 11.14 1.07 -10.51
N GLY A 247 11.46 1.38 -9.26
CA GLY A 247 10.97 0.63 -8.13
C GLY A 247 9.47 0.70 -7.93
N PRO A 248 8.92 1.92 -7.81
CA PRO A 248 7.46 2.05 -7.64
C PRO A 248 6.66 1.34 -8.71
N LEU A 249 7.07 1.44 -9.97
CA LEU A 249 6.39 0.71 -11.03
C LEU A 249 6.74 -0.77 -11.04
N ASN A 250 7.89 -1.15 -10.47
CA ASN A 250 8.28 -2.56 -10.42
C ASN A 250 7.24 -3.42 -9.72
N TRP A 251 6.39 -2.83 -8.88
CA TRP A 251 5.33 -3.60 -8.24
C TRP A 251 4.31 -4.14 -9.22
N TYR A 252 4.29 -3.61 -10.45
CA TYR A 252 3.38 -4.08 -11.49
C TYR A 252 4.02 -5.06 -12.45
N ARG A 253 5.35 -5.18 -12.46
CA ARG A 253 6.06 -5.98 -13.44
C ARG A 253 6.26 -7.42 -12.99
N THR A 254 5.56 -7.87 -11.95
CA THR A 254 5.77 -9.19 -11.36
C THR A 254 4.52 -10.07 -11.46
N ARG A 255 3.74 -9.92 -12.53
CA ARG A 255 2.54 -10.74 -12.69
C ARG A 255 2.87 -12.22 -12.81
N GLU A 256 3.77 -12.56 -13.74
CA GLU A 256 4.16 -13.96 -13.90
C GLU A 256 4.88 -14.49 -12.67
N LEU A 257 5.70 -13.64 -12.04
CA LEU A 257 6.48 -14.07 -10.89
C LEU A 257 5.58 -14.51 -9.74
N ASN A 258 4.67 -13.63 -9.31
CA ASN A 258 3.74 -14.00 -8.25
C ASN A 258 2.91 -15.22 -8.64
N ALA A 259 2.67 -15.40 -9.93
CA ALA A 259 1.91 -16.57 -10.39
C ALA A 259 2.61 -17.86 -10.00
N LYS A 260 3.92 -17.95 -10.27
CA LYS A 260 4.66 -19.17 -9.99
C LYS A 260 4.65 -19.50 -8.50
N ASP A 261 4.72 -18.47 -7.65
CA ASP A 261 4.67 -18.70 -6.21
C ASP A 261 3.31 -19.21 -5.77
N GLU A 262 2.24 -18.64 -6.32
CA GLU A 262 0.90 -19.00 -5.89
C GLU A 262 0.35 -20.24 -6.59
N MET A 263 0.73 -20.48 -7.86
CA MET A 263 0.44 -21.78 -8.46
C MET A 263 1.09 -22.90 -7.66
N ASP A 264 2.23 -22.61 -7.05
CA ASP A 264 2.85 -23.55 -6.11
C ASP A 264 1.95 -23.77 -4.89
N ARG A 265 1.46 -22.68 -4.31
CA ARG A 265 0.67 -22.78 -3.09
C ARG A 265 -0.78 -23.17 -3.36
N ALA A 266 -1.32 -22.81 -4.54
CA ALA A 266 -2.67 -23.24 -4.88
C ALA A 266 -2.75 -24.74 -5.08
N LYS A 267 -1.63 -25.37 -5.44
CA LYS A 267 -1.60 -26.80 -5.71
C LYS A 267 -0.96 -27.61 -4.58
N ASN A 268 0.17 -27.15 -4.05
CA ASN A 268 0.83 -27.83 -2.94
C ASN A 268 0.57 -27.16 -1.59
N GLY A 269 0.70 -25.84 -1.52
CA GLY A 269 0.55 -25.12 -0.28
C GLY A 269 -0.84 -25.19 0.30
N PRO A 270 -1.01 -24.64 1.51
CA PRO A 270 -2.32 -24.68 2.17
C PRO A 270 -3.28 -23.70 1.55
N PRO A 271 -4.58 -23.87 1.77
CA PRO A 271 -5.57 -22.96 1.17
C PRO A 271 -5.61 -21.61 1.85
N LEU A 272 -6.11 -20.62 1.10
CA LEU A 272 -6.24 -19.25 1.59
C LEU A 272 -7.19 -19.18 2.77
N ARG A 273 -6.65 -19.18 3.98
CA ARG A 273 -7.45 -19.30 5.20
C ARG A 273 -6.92 -18.33 6.24
N PHE A 274 -7.83 -17.55 6.84
CA PHE A 274 -7.48 -16.56 7.84
C PHE A 274 -8.25 -16.89 9.12
N GLU A 275 -7.55 -17.42 10.12
CA GLU A 275 -8.15 -17.72 11.41
C GLU A 275 -7.87 -16.64 12.46
N MET A 276 -7.19 -15.54 12.07
CA MET A 276 -6.97 -14.39 12.92
C MET A 276 -7.94 -13.28 12.56
N PRO A 277 -8.29 -12.40 13.50
CA PRO A 277 -9.25 -11.33 13.20
C PRO A 277 -8.80 -10.47 12.04
N ALA A 278 -9.79 -9.91 11.33
CA ALA A 278 -9.49 -9.16 10.11
C ALA A 278 -10.54 -8.08 9.87
N LEU A 279 -10.06 -6.88 9.57
CA LEU A 279 -10.89 -5.76 9.14
C LEU A 279 -10.65 -5.50 7.65
N PHE A 280 -11.70 -5.05 6.97
CA PHE A 280 -11.60 -4.63 5.58
C PHE A 280 -12.34 -3.32 5.43
N VAL A 281 -11.62 -2.27 5.05
CA VAL A 281 -12.19 -0.93 4.88
C VAL A 281 -12.28 -0.68 3.39
N ALA A 282 -13.47 -0.84 2.83
CA ALA A 282 -13.71 -0.51 1.43
C ALA A 282 -13.92 0.99 1.29
N ALA A 283 -13.43 1.54 0.18
CA ALA A 283 -13.68 2.93 -0.16
C ALA A 283 -14.63 2.97 -1.35
N SER A 284 -15.67 3.80 -1.24
CA SER A 284 -16.78 3.73 -2.20
C SER A 284 -16.33 4.17 -3.59
N LYS A 285 -15.75 5.35 -3.71
CA LYS A 285 -15.33 5.88 -5.01
C LYS A 285 -13.95 5.40 -5.41
N ASP A 286 -13.48 4.29 -4.84
CA ASP A 286 -12.24 3.68 -5.30
C ASP A 286 -12.45 3.20 -6.74
N ASN A 287 -12.29 4.11 -7.70
CA ASN A 287 -12.42 3.74 -9.10
C ASN A 287 -11.34 2.74 -9.52
N ALA A 288 -10.27 2.62 -8.75
CA ALA A 288 -9.26 1.59 -9.02
C ALA A 288 -9.78 0.22 -8.62
N LEU A 289 -10.20 0.07 -7.36
CA LEU A 289 -10.67 -1.21 -6.83
C LEU A 289 -12.08 -1.05 -6.28
N PRO A 290 -13.11 -1.36 -7.07
CA PRO A 290 -14.49 -1.14 -6.62
C PRO A 290 -14.86 -2.08 -5.49
N PRO A 291 -15.68 -1.63 -4.54
CA PRO A 291 -16.07 -2.49 -3.41
C PRO A 291 -16.86 -3.73 -3.82
N ALA A 292 -17.31 -3.83 -5.07
CA ALA A 292 -17.92 -5.08 -5.52
C ALA A 292 -16.87 -6.18 -5.69
N MET A 293 -15.63 -5.79 -6.00
CA MET A 293 -14.57 -6.77 -6.16
C MET A 293 -14.30 -7.54 -4.88
N SER A 294 -14.62 -6.95 -3.73
CA SER A 294 -14.50 -7.66 -2.47
C SER A 294 -15.29 -8.96 -2.49
N LYS A 295 -16.51 -8.91 -3.02
CA LYS A 295 -17.31 -10.09 -3.36
C LYS A 295 -17.27 -11.18 -2.30
N GLY A 296 -16.84 -12.38 -2.69
CA GLY A 296 -16.78 -13.53 -1.80
C GLY A 296 -15.54 -13.56 -0.93
N MET A 297 -15.18 -12.40 -0.39
CA MET A 297 -14.04 -12.30 0.51
C MET A 297 -14.27 -13.13 1.77
N ASP A 298 -15.49 -13.10 2.29
CA ASP A 298 -15.76 -13.55 3.65
C ASP A 298 -15.63 -15.07 3.80
N ALA A 299 -15.67 -15.83 2.70
CA ALA A 299 -15.63 -17.29 2.80
C ALA A 299 -14.24 -17.83 3.11
N PHE A 300 -13.29 -16.94 3.41
CA PHE A 300 -11.91 -17.29 3.69
C PHE A 300 -11.51 -16.92 5.10
N TYR A 301 -12.47 -16.59 5.97
CA TYR A 301 -12.16 -15.98 7.26
C TYR A 301 -12.93 -16.65 8.38
N LYS A 302 -12.27 -16.78 9.54
CA LYS A 302 -12.97 -17.17 10.75
C LYS A 302 -13.76 -15.99 11.32
N ASP A 303 -13.18 -14.79 11.27
CA ASP A 303 -13.74 -13.62 11.94
C ASP A 303 -13.29 -12.39 11.15
N LEU A 304 -14.07 -12.03 10.13
CA LEU A 304 -13.76 -10.90 9.28
C LEU A 304 -14.67 -9.73 9.58
N THR A 305 -14.11 -8.53 9.63
CA THR A 305 -14.89 -7.32 9.83
C THR A 305 -14.99 -6.57 8.51
N ARG A 306 -16.20 -6.18 8.17
CA ARG A 306 -16.48 -5.38 6.99
C ARG A 306 -16.70 -3.93 7.39
N ALA A 307 -16.29 -3.03 6.51
CA ALA A 307 -16.49 -1.60 6.71
C ALA A 307 -16.41 -0.92 5.35
N GLU A 308 -16.90 0.31 5.30
CA GLU A 308 -16.93 1.04 4.03
C GLU A 308 -16.97 2.53 4.33
N VAL A 309 -16.07 3.28 3.70
CA VAL A 309 -16.02 4.73 3.79
C VAL A 309 -16.38 5.30 2.42
N ASP A 310 -17.35 6.21 2.39
CA ASP A 310 -17.68 6.93 1.18
C ASP A 310 -16.49 7.81 0.77
N ALA A 311 -15.57 7.27 -0.02
CA ALA A 311 -14.33 7.99 -0.30
C ALA A 311 -13.68 7.39 -1.55
N THR A 312 -12.64 8.08 -2.02
CA THR A 312 -11.87 7.62 -3.18
C THR A 312 -10.91 6.52 -2.75
N HIS A 313 -10.08 6.08 -3.71
CA HIS A 313 -9.02 5.13 -3.40
C HIS A 313 -8.09 5.68 -2.32
N TRP A 314 -7.91 7.00 -2.25
CA TRP A 314 -7.08 7.62 -1.23
C TRP A 314 -7.87 7.77 0.07
N ALA A 315 -8.21 6.62 0.66
CA ALA A 315 -9.08 6.59 1.82
C ALA A 315 -8.36 6.91 3.13
N LEU A 316 -7.03 6.75 3.16
CA LEU A 316 -6.31 6.99 4.41
C LEU A 316 -6.27 8.46 4.78
N THR A 317 -6.31 9.35 3.80
CA THR A 317 -6.23 10.79 4.03
C THR A 317 -7.55 11.50 3.83
N GLN A 318 -8.31 11.14 2.79
CA GLN A 318 -9.61 11.76 2.56
C GLN A 318 -10.57 11.42 3.70
N ALA A 319 -10.78 10.13 3.96
CA ALA A 319 -11.63 9.67 5.06
C ALA A 319 -10.80 9.25 6.26
N GLY A 320 -9.71 9.96 6.53
CA GLY A 320 -8.79 9.54 7.58
C GLY A 320 -9.42 9.56 8.95
N ASP A 321 -10.19 10.60 9.27
CA ASP A 321 -10.83 10.66 10.57
C ASP A 321 -11.95 9.65 10.71
N GLU A 322 -12.51 9.17 9.60
CA GLU A 322 -13.46 8.08 9.65
C GLU A 322 -12.78 6.71 9.56
N VAL A 323 -11.60 6.64 8.93
CA VAL A 323 -10.86 5.39 8.88
C VAL A 323 -10.23 5.08 10.24
N ASN A 324 -9.57 6.08 10.84
CA ASN A 324 -9.05 5.92 12.19
C ASN A 324 -10.15 5.46 13.15
N ARG A 325 -11.34 6.03 13.02
CA ARG A 325 -12.46 5.61 13.85
C ARG A 325 -12.81 4.15 13.62
N VAL A 326 -12.74 3.68 12.37
CA VAL A 326 -13.14 2.32 12.08
C VAL A 326 -12.10 1.30 12.53
N ILE A 327 -10.81 1.60 12.29
CA ILE A 327 -9.76 0.66 12.67
C ILE A 327 -9.67 0.56 14.19
N GLY A 328 -9.73 1.70 14.88
CA GLY A 328 -9.63 1.74 16.32
C GLY A 328 -10.64 0.85 17.02
N GLU A 329 -11.92 1.04 16.70
CA GLU A 329 -12.98 0.28 17.37
C GLU A 329 -12.87 -1.20 17.05
N TRP A 330 -12.55 -1.55 15.80
CA TRP A 330 -12.33 -2.95 15.46
C TRP A 330 -11.12 -3.50 16.20
N LEU A 331 -10.01 -2.77 16.20
CA LEU A 331 -8.82 -3.18 16.92
C LEU A 331 -9.12 -3.40 18.40
N ASN A 332 -9.96 -2.54 18.98
CA ASN A 332 -10.25 -2.64 20.41
C ASN A 332 -10.95 -3.95 20.75
N LYS A 333 -11.92 -4.36 19.94
CA LYS A 333 -12.67 -5.58 20.21
C LYS A 333 -12.03 -6.81 19.57
N ALA A 334 -11.27 -6.63 18.49
CA ALA A 334 -10.55 -7.76 17.90
C ALA A 334 -9.50 -8.30 18.86
N LEU A 335 -8.90 -7.45 19.68
CA LEU A 335 -7.88 -7.83 20.65
C LEU A 335 -8.46 -8.17 22.02
N GLY A 336 -9.71 -8.63 22.08
CA GLY A 336 -10.35 -8.94 23.34
C GLY A 336 -11.49 -9.94 23.23
#